data_3F87
#
_entry.id   3F87
#
_cell.length_a   71.313
_cell.length_b   71.313
_cell.length_c   97.440
_cell.angle_alpha   90.00
_cell.angle_beta   90.00
_cell.angle_gamma   90.00
#
_symmetry.space_group_name_H-M   'P 43 21 2'
#
loop_
_entity.id
_entity.type
_entity.pdbx_description
1 polymer GCN4pLI-betaAD
2 non-polymer 'IODIDE ION'
3 water water
#
_entity_poly.entity_id   1
_entity_poly.type   'polypeptide(L)'
_entity_poly.pdbx_seq_one_letter_code
;(ACE)R(B3M)KQ(BIL)EDK(B3L)EE(BIL)LSK(B3L)YH(BIL)ENE(B3L)AR(BIL)KKL(B3L)GE(HMR)
;
_entity_poly.pdbx_strand_id   A,B,C,D
#
loop_
_chem_comp.id
_chem_comp.type
_chem_comp.name
_chem_comp.formula
ACE non-polymer 'ACETYL GROUP' 'C2 H4 O'
IOD non-polymer 'IODIDE ION' 'I -1'
#
# COMPACT_ATOMS: atom_id res chain seq x y z
C ACE A 1 -28.52 4.85 -3.52
O ACE A 1 -28.50 3.84 -4.23
CH3 ACE A 1 -28.65 4.75 -2.01
H1 ACE A 1 -27.69 4.75 -1.56
H2 ACE A 1 -29.22 3.86 -1.74
H3 ACE A 1 -29.23 5.63 -1.66
N ARG A 2 -28.52 6.08 -4.05
CA ARG A 2 -27.99 6.39 -5.37
C ARG A 2 -26.60 5.81 -5.54
N B3M A 3 -26.36 5.15 -6.66
CB B3M A 3 -24.21 5.47 -7.80
C B3M A 3 -23.35 6.43 -6.98
O B3M A 3 -22.32 6.12 -6.36
CA B3M A 3 -25.09 4.54 -6.97
CG B3M A 3 -25.44 3.33 -7.83
CD B3M A 3 -24.48 2.16 -7.70
SE B3M A 3 -24.77 1.15 -6.26
CF B3M A 3 -26.22 1.94 -5.57
H2 B3M A 3 -26.97 5.08 -7.25
HB1 B3M A 3 -24.84 6.01 -8.51
HB2 B3M A 3 -23.53 4.84 -8.40
HA B3M A 3 -24.56 4.20 -6.06
HG B3M A 3 -26.46 2.99 -7.63
HGA B3M A 3 -25.42 3.64 -8.88
HD B3M A 3 -24.58 1.53 -8.58
HDA B3M A 3 -23.45 2.54 -7.68
HF B3M A 3 -27.03 1.18 -5.52
HFA B3M A 3 -26.51 2.75 -6.21
HFB B3M A 3 -26.00 2.27 -4.57
N LYS A 4 -23.85 7.64 -6.99
CA LYS A 4 -23.31 8.86 -6.33
CA LYS A 4 -23.29 8.80 -6.32
C LYS A 4 -23.20 8.71 -4.80
N GLN A 5 -24.24 8.22 -4.14
CA GLN A 5 -24.16 8.16 -2.67
C GLN A 5 -23.23 7.05 -2.21
C BIL A 6 -20.26 5.55 -3.70
O BIL A 6 -19.44 5.35 -2.84
CA BIL A 6 -21.44 4.64 -3.83
CB BIL A 6 -22.43 4.80 -2.70
N BIL A 6 -23.23 5.97 -2.97
CG BIL A 6 -23.35 3.59 -2.70
CD2 BIL A 6 -22.62 2.32 -2.26
CD1 BIL A 6 -24.59 3.80 -1.84
CE1 BIL A 6 -24.19 4.20 -0.44
HA BIL A 6 -21.94 4.81 -4.77
HAA BIL A 6 -21.06 3.61 -3.85
HB BIL A 6 -21.89 4.88 -1.74
H BIL A 6 -23.81 5.91 -3.78
HG BIL A 6 -23.69 3.43 -3.73
H3D2 BIL A 6 -22.64 1.60 -3.01
H2D2 BIL A 6 -21.60 2.57 -2.02
H1D2 BIL A 6 -23.08 1.94 -1.37
H1D1 BIL A 6 -25.16 2.87 -1.80
H2D1 BIL A 6 -25.22 4.56 -2.28
H3E1 BIL A 6 -23.14 4.26 -0.37
H2E1 BIL A 6 -24.62 5.16 -0.23
H1E1 BIL A 6 -24.56 3.49 0.24
N GLU A 7 -20.17 6.58 -4.55
CA GLU A 7 -19.04 7.51 -4.49
C GLU A 7 -18.83 8.18 -3.16
N ASP A 8 -19.86 8.83 -2.60
CA ASP A 8 -19.69 9.63 -1.40
C ASP A 8 -19.25 8.73 -0.26
N LYS A 9 -19.92 7.59 -0.13
CA LYS A 9 -19.72 6.67 0.98
C LYS A 9 -18.40 5.95 0.90
O B3L A 10 -14.30 6.14 -0.12
C B3L A 10 -15.18 6.53 -0.81
CB B3L A 10 -16.02 5.49 -1.55
CA B3L A 10 -16.90 4.68 -0.58
N B3L A 10 -18.13 5.41 -0.29
CG B3L A 10 -17.24 3.35 -1.23
CD B3L A 10 -18.23 2.51 -0.43
CE2 B3L A 10 -18.78 1.36 -1.29
CE1 B3L A 10 -17.61 1.93 0.82
HB1 B3L A 10 -15.35 4.82 -2.07
HB2 B3L A 10 -16.65 5.98 -2.29
HA B3L A 10 -16.33 4.49 0.34
H B3L A 10 -18.78 5.51 -1.04
HG B3L A 10 -16.32 2.77 -1.35
HGA B3L A 10 -17.65 3.53 -2.22
HD B3L A 10 -19.08 3.13 -0.14
H3E2 B3L A 10 -18.32 1.41 -2.26
H2E2 B3L A 10 -19.81 1.44 -1.39
H1E2 B3L A 10 -18.52 0.43 -0.84
H3E1 B3L A 10 -17.66 0.87 0.79
H2E1 B3L A 10 -16.61 2.24 0.90
H1E1 B3L A 10 -18.16 2.27 1.66
N GLU A 11 -15.47 7.82 -0.97
CA GLU A 11 -14.74 8.93 -0.32
C GLU A 11 -14.67 8.91 1.22
N GLU A 12 -15.79 8.64 1.89
CA GLU A 12 -15.83 8.66 3.36
C GLU A 12 -15.04 7.49 3.96
C BIL A 13 -12.26 5.36 2.85
O BIL A 13 -11.57 5.38 3.84
CA BIL A 13 -13.57 4.61 2.86
CB BIL A 13 -14.55 5.11 3.92
N BIL A 13 -15.24 6.30 3.44
CG BIL A 13 -15.58 4.05 4.20
CD2 BIL A 13 -14.90 2.87 4.87
CD1 BIL A 13 -16.77 4.58 5.03
CE1 BIL A 13 -17.74 3.48 5.39
HA BIL A 13 -14.05 4.68 1.88
HAA BIL A 13 -13.35 3.55 3.03
HB BIL A 13 -14.00 5.31 4.84
H BIL A 13 -15.88 6.16 2.68
HG BIL A 13 -15.98 3.70 3.23
H3D2 BIL A 13 -15.06 1.99 4.26
H2D2 BIL A 13 -13.89 3.06 4.97
H1D2 BIL A 13 -15.36 2.70 5.82
H1D1 BIL A 13 -17.30 5.35 4.47
H2D1 BIL A 13 -16.38 5.03 5.94
H3E1 BIL A 13 -17.42 2.57 4.96
H2E1 BIL A 13 -17.82 3.39 6.43
H1E1 BIL A 13 -18.70 3.73 4.99
N LEU A 14 -11.93 5.96 1.71
CA LEU A 14 -10.68 6.73 1.51
C LEU A 14 -10.30 7.58 2.74
N SER A 15 -11.27 8.30 3.25
CA SER A 15 -11.00 9.38 4.16
C SER A 15 -10.76 8.85 5.58
N LYS A 16 -11.60 7.95 6.04
CA LYS A 16 -11.44 7.35 7.37
C LYS A 16 -10.39 6.25 7.38
O B3L A 17 -6.50 5.50 6.33
C B3L A 17 -7.34 5.90 5.56
CB B3L A 17 -8.40 4.96 5.02
CA B3L A 17 -9.31 4.49 6.12
N B3L A 17 -10.26 5.56 6.25
CG B3L A 17 -9.91 3.14 5.72
CD B3L A 17 -11.12 2.77 6.56
CE2 B3L A 17 -10.89 2.94 8.06
CE1 B3L A 17 -11.60 1.36 6.21
HB1 B3L A 17 -7.89 4.09 4.58
HB2 B3L A 17 -8.96 5.43 4.22
HA B3L A 17 -8.72 4.35 7.04
H B3L A 17 -10.83 5.76 5.45
HG B3L A 17 -9.14 2.37 5.84
HGA B3L A 17 -10.19 3.17 4.67
HD B3L A 17 -11.93 3.46 6.27
H3E2 B3L A 17 -9.90 3.29 8.23
H2E2 B3L A 17 -11.02 2.00 8.55
H1E2 B3L A 17 -11.58 3.64 8.46
H3E1 B3L A 17 -12.60 1.40 5.87
H2E1 B3L A 17 -10.97 0.94 5.47
H1E1 B3L A 17 -11.55 0.75 7.09
N TYR A 18 -7.42 7.16 5.15
CA TYR A 18 -6.47 8.17 5.60
C TYR A 18 -6.36 8.33 7.11
N HIS A 19 -7.46 8.61 7.81
CA HIS A 19 -7.36 8.91 9.23
CA HIS A 19 -7.35 8.94 9.23
C HIS A 19 -6.81 7.76 10.03
C BIL A 20 -4.70 4.71 9.39
O BIL A 20 -3.88 4.58 10.26
CA BIL A 20 -6.15 4.37 9.62
CB BIL A 20 -6.92 5.36 10.49
N BIL A 20 -7.34 6.56 9.80
CG BIL A 20 -8.19 4.61 10.92
CD2 BIL A 20 -7.86 3.26 11.56
CD1 BIL A 20 -9.11 5.41 11.83
CE1 BIL A 20 -10.31 4.54 12.14
HA BIL A 20 -6.66 4.29 8.66
HAA BIL A 20 -6.17 3.38 10.07
HB BIL A 20 -6.33 5.59 11.39
H BIL A 20 -8.08 6.45 9.12
HG BIL A 20 -8.75 4.39 10.00
H3D2 BIL A 20 -8.31 2.48 11.01
H2D2 BIL A 20 -6.81 3.12 11.59
H1D2 BIL A 20 -8.24 3.24 12.56
H1D1 BIL A 20 -9.43 6.33 11.34
H2D1 BIL A 20 -8.58 5.68 12.76
H3E1 BIL A 20 -10.20 3.61 11.64
H2E1 BIL A 20 -10.37 4.38 13.19
H1E1 BIL A 20 -11.19 5.03 11.82
N GLU A 21 -4.40 5.13 8.20
CA GLU A 21 -3.03 5.49 7.84
C GLU A 21 -2.34 6.44 8.84
N ASN A 22 -3.04 7.52 9.19
CA ASN A 22 -2.46 8.56 10.02
C ASN A 22 -2.31 8.17 11.48
N GLU A 23 -3.33 7.56 12.08
CA GLU A 23 -3.23 7.15 13.48
C GLU A 23 -2.37 5.97 13.68
O B3L A 24 1.29 3.90 12.57
C B3L A 24 0.46 4.42 11.88
CB B3L A 24 -0.85 3.72 11.65
CA B3L A 24 -1.76 3.78 12.84
N B3L A 24 -2.53 4.98 12.80
CG B3L A 24 -2.72 2.58 12.71
CD B3L A 24 -3.92 2.64 13.65
CE2 B3L A 24 -3.44 2.60 15.09
CE1 B3L A 24 -4.87 1.49 13.34
HB1 B3L A 24 -0.64 2.68 11.41
HB2 B3L A 24 -1.36 4.16 10.78
HA B3L A 24 -1.17 3.67 13.77
H B3L A 24 -3.21 5.06 12.07
HG B3L A 24 -2.16 1.68 12.92
HGA B3L A 24 -3.07 2.52 11.69
HD B3L A 24 -4.47 3.58 13.48
H3E2 B3L A 24 -2.38 2.54 15.09
H2E2 B3L A 24 -3.85 1.74 15.56
H1E2 B3L A 24 -3.75 3.47 15.59
H3E1 B3L A 24 -5.82 1.89 13.07
H2E1 B3L A 24 -4.48 0.92 12.54
H1E1 B3L A 24 -4.98 0.87 14.20
N ALA A 25 0.63 5.61 11.30
CA ALA A 25 1.89 6.38 11.47
C ALA A 25 2.16 6.88 12.90
N ARG A 26 1.16 7.51 13.50
CA ARG A 26 1.35 8.22 14.76
C ARG A 26 1.57 7.26 15.93
C BIL A 27 2.69 3.57 16.20
O BIL A 27 3.39 3.32 17.16
CA BIL A 27 1.21 3.79 16.35
CB BIL A 27 0.94 5.13 16.97
N BIL A 27 0.85 6.14 15.93
CG BIL A 27 -0.41 5.15 17.70
CD2 BIL A 27 -0.61 4.07 18.77
CD1 BIL A 27 -0.69 6.51 18.34
CE1 BIL A 27 -2.20 6.68 18.35
HA BIL A 27 0.71 3.71 15.38
HAA BIL A 27 0.81 2.99 16.98
HB BIL A 27 1.74 5.37 17.69
H BIL A 27 0.19 5.96 15.19
HG BIL A 27 -1.18 4.98 16.93
H3D2 BIL A 27 -1.45 3.47 18.50
H2D2 BIL A 27 0.24 3.47 18.83
H1D2 BIL A 27 -0.80 4.53 19.70
H1D1 BIL A 27 -0.24 7.32 17.77
H2D1 BIL A 27 -0.31 6.54 19.35
H3E1 BIL A 27 -2.66 5.83 17.93
H2E1 BIL A 27 -2.53 6.81 19.36
H1E1 BIL A 27 -2.46 7.55 17.79
N LYS A 28 3.16 3.69 14.98
CA LYS A 28 4.56 3.51 14.65
C LYS A 28 5.53 4.45 15.40
N LYS A 29 5.27 5.74 15.37
CA LYS A 29 6.19 6.75 15.88
C LYS A 29 6.28 6.60 17.38
N LEU A 30 5.12 6.58 18.04
CA LEU A 30 5.04 6.51 19.49
C LEU A 30 5.58 5.21 20.04
O B3L A 31 8.85 2.29 19.65
C B3L A 31 8.02 2.78 18.89
CB B3L A 31 6.62 2.22 18.84
CA B3L A 31 5.66 2.79 19.86
N B3L A 31 5.20 4.10 19.43
CG B3L A 31 4.51 1.78 19.97
CD B3L A 31 3.17 2.33 20.49
CE2 B3L A 31 3.28 2.82 21.92
CE1 B3L A 31 2.06 1.30 20.39
HB1 B3L A 31 6.69 1.14 19.00
HB2 B3L A 31 6.21 2.36 17.84
HA B3L A 31 6.16 2.84 20.84
H B3L A 31 4.59 4.14 18.63
HG B3L A 31 4.85 0.95 20.60
HGA B3L A 31 4.33 1.36 18.97
HD B3L A 31 2.88 3.19 19.86
H3E2 B3L A 31 4.27 2.72 22.26
H2E2 B3L A 31 2.61 2.32 22.51
H1E2 B3L A 31 3.04 3.89 21.92
H3E1 B3L A 31 1.28 1.67 19.78
H2E1 B3L A 31 2.43 0.40 20.00
H1E1 B3L A 31 1.67 1.14 21.37
N GLY A 32 8.29 3.79 18.07
CA GLY A 32 9.59 4.41 18.03
C GLY A 32 10.14 5.01 19.30
N GLU A 33 9.25 5.51 20.14
CA GLU A 33 9.60 6.25 21.34
C GLU A 33 9.39 5.38 22.60
N HMR A 34 9.55 4.07 22.47
CB HMR A 34 9.36 3.18 23.60
CC HMR A 34 7.86 3.02 23.78
CG HMR A 34 7.44 3.67 25.08
CD HMR A 34 6.03 4.21 24.98
NE HMR A 34 6.15 5.66 24.89
CZ HMR A 34 5.34 6.49 25.57
NH1 HMR A 34 5.47 7.82 25.44
NH2 HMR A 34 4.39 6.00 26.38
C HMR A 34 11.33 1.93 22.85
O HMR A 34 12.15 2.68 23.35
CA HMR A 34 9.96 1.79 23.43
OXT HMR A 34 11.64 1.25 21.82
H HMR A 34 9.80 3.64 21.58
HB HMR A 34 9.81 3.62 24.50
HB2 HMR A 34 7.58 1.96 23.81
HB3 HMR A 34 7.33 3.48 22.94
HG2 HMR A 34 7.49 2.94 25.88
HG3 HMR A 34 8.13 4.48 25.34
HD2 HMR A 34 5.51 3.82 24.11
HD3 HMR A 34 5.49 3.89 25.87
HE HMR A 34 6.81 6.05 24.30
HH1 HMR A 34 6.08 8.14 24.93
HH21 HMR A 34 4.28 5.16 26.49
HH22 HMR A 34 3.90 6.55 26.81
HC1 HMR A 34 9.34 1.20 22.73
HC2 HMR A 34 10.00 1.27 24.39
HH12 HMR A 34 4.96 8.35 25.88
C ACE B 1 6.15 -6.88 22.77
O ACE B 1 5.85 -5.90 23.46
CH3 ACE B 1 5.14 -7.93 22.39
H1 ACE B 1 5.14 -8.70 23.20
H2 ACE B 1 5.46 -8.40 21.47
H3 ACE B 1 4.18 -7.49 22.30
N ARG B 2 7.24 -6.82 22.02
CA ARG B 2 8.18 -5.70 22.13
C ARG B 2 7.59 -4.41 21.56
N B3M B 3 7.89 -3.30 22.20
CB B3M B 3 8.51 -1.47 20.87
C B3M B 3 8.48 -1.93 19.43
O B3M B 3 7.52 -1.70 18.75
CA B3M B 3 7.40 -2.00 21.78
CG B3M B 3 7.29 -0.95 22.88
CD B3M B 3 6.34 -1.23 24.03
SE B3M B 3 4.64 -1.56 23.50
CF B3M B 3 4.17 0.00 22.76
H2 B3M B 3 8.37 -3.30 22.91
HB1 B3M B 3 9.48 -1.74 21.31
HB2 B3M B 3 8.47 -0.38 20.87
HA B3M B 3 6.46 -2.08 21.21
HG B3M B 3 8.28 -0.78 23.31
HGA B3M B 3 6.99 0.00 22.43
HD B3M B 3 6.70 -2.10 24.59
HDA B3M B 3 6.33 -0.38 24.70
HF B3M B 3 3.92 -0.19 21.72
HFA B3M B 3 5.01 0.68 22.82
HFB B3M B 3 3.32 0.40 23.30
N LYS B 4 9.55 -2.57 18.98
CA LYS B 4 9.64 -3.07 17.61
C LYS B 4 8.43 -3.81 17.05
N GLN B 5 7.79 -4.64 17.85
CA GLN B 5 6.69 -5.45 17.33
C GLN B 5 5.34 -4.76 17.33
C BIL B 6 4.63 -1.17 16.85
O BIL B 6 3.72 -1.05 16.05
CA BIL B 6 4.31 -1.56 18.27
CB BIL B 6 3.96 -3.02 18.34
N BIL B 6 5.18 -3.77 18.21
CG BIL B 6 3.30 -3.37 19.69
CD2 BIL B 6 1.91 -2.76 19.84
CD1 BIL B 6 3.24 -4.87 20.03
CE1 BIL B 6 2.45 -5.77 19.11
HA BIL B 6 5.16 -1.34 18.93
HAA BIL B 6 3.46 -0.95 18.62
HB BIL B 6 3.25 -3.26 17.53
H BIL B 6 5.93 -3.50 18.84
HG BIL B 6 3.93 -2.90 20.46
H3D2 BIL B 6 1.92 -2.11 20.70
H2D2 BIL B 6 1.68 -2.20 18.99
H1D2 BIL B 6 1.20 -3.53 19.99
H1D1 BIL B 6 2.80 -4.96 21.03
H2D1 BIL B 6 4.26 -5.25 20.10
H3E1 BIL B 6 2.07 -5.18 18.31
H2E1 BIL B 6 3.11 -6.51 18.70
H1E1 BIL B 6 1.67 -6.23 19.62
N GLU B 7 5.91 -0.98 16.52
CA GLU B 7 6.30 -0.61 15.15
C GLU B 7 5.77 -1.46 14.04
N ASP B 8 6.01 -2.76 14.08
CA ASP B 8 5.65 -3.61 12.96
C ASP B 8 4.13 -3.68 12.80
N LYS B 9 3.42 -3.79 13.93
CA LYS B 9 1.97 -3.99 13.93
C LYS B 9 1.22 -2.75 13.53
O B3L B 10 1.26 0.76 10.89
C B3L B 10 2.11 0.26 11.62
CB B3L B 10 2.07 0.50 13.11
CA B3L B 10 1.08 -0.38 13.82
N B3L B 10 1.66 -1.66 14.09
CG B3L B 10 0.75 0.28 15.16
CD B3L B 10 -0.10 -0.59 16.11
CE2 B3L B 10 -0.32 0.13 17.44
CE1 B3L B 10 -1.43 -0.97 15.47
HB1 B3L B 10 1.82 1.54 13.30
HB2 B3L B 10 3.06 0.32 13.53
HA B3L B 10 0.16 -0.46 13.22
H B3L B 10 2.44 -1.67 14.73
HG B3L B 10 0.20 1.21 14.97
HGA B3L B 10 1.67 0.56 15.67
HD B3L B 10 0.45 -1.51 16.32
H3E2 B3L B 10 0.17 1.07 17.41
H2E2 B3L B 10 0.09 -0.45 18.22
H1E2 B3L B 10 -1.35 0.27 17.59
H3E1 B3L B 10 -2.23 -0.61 16.08
H2E1 B3L B 10 -1.50 -0.56 14.51
H1E1 B3L B 10 -1.49 -2.04 15.42
N GLU B 11 3.09 -0.50 11.16
CA GLU B 11 3.25 -0.79 9.76
C GLU B 11 2.22 -1.66 9.10
N GLU B 12 1.86 -2.76 9.75
CA GLU B 12 0.91 -3.69 9.17
C GLU B 12 -0.47 -3.05 9.11
C BIL B 13 -1.81 0.34 9.05
O BIL B 13 -2.77 0.41 8.30
CA BIL B 13 -1.95 -0.32 10.39
CB BIL B 13 -2.20 -1.81 10.31
N BIL B 13 -0.90 -2.45 10.22
CG BIL B 13 -2.99 -2.32 11.54
CD2 BIL B 13 -4.45 -1.83 11.50
CD1 BIL B 13 -2.97 -3.85 11.69
CE1 BIL B 13 -3.67 -4.27 12.97
HA BIL B 13 -1.06 -0.15 10.99
HAA BIL B 13 -2.77 0.16 10.93
HB BIL B 13 -2.80 -2.01 9.42
H BIL B 13 -0.34 -2.44 11.05
HG BIL B 13 -2.52 -1.88 12.43
H3D2 BIL B 13 -4.65 -1.24 12.35
H2D2 BIL B 13 -4.60 -1.24 10.61
H1D2 BIL B 13 -5.10 -2.66 11.46
H1D1 BIL B 13 -1.93 -4.20 11.73
H2D1 BIL B 13 -3.45 -4.31 10.83
H3E1 BIL B 13 -4.03 -3.41 13.48
H2E1 BIL B 13 -4.50 -4.90 12.73
H1E1 BIL B 13 -2.99 -4.79 13.59
N LEU B 14 -0.60 0.83 8.74
CA LEU B 14 -0.32 1.50 7.45
C LEU B 14 -0.67 0.68 6.20
N SER B 15 -0.13 -0.51 6.10
CA SER B 15 -0.24 -1.25 4.86
C SER B 15 -1.68 -1.59 4.52
N LYS B 16 -2.46 -1.98 5.54
CA LYS B 16 -3.86 -2.39 5.37
C LYS B 16 -4.84 -1.24 5.35
O B3L B 17 -5.66 2.33 3.53
C B3L B 17 -4.65 2.14 4.19
CB B3L B 17 -4.70 2.16 5.71
CA B3L B 17 -5.46 0.93 6.23
N B3L B 17 -4.60 -0.22 6.16
CG B3L B 17 -5.92 1.22 7.64
CD B3L B 17 -6.54 0.03 8.37
CE2 B3L B 17 -6.59 0.35 9.85
CE1 B3L B 17 -7.94 -0.28 7.85
HB1 B3L B 17 -5.21 3.07 6.05
HB2 B3L B 17 -3.70 2.18 6.12
HA B3L B 17 -6.35 0.78 5.61
H B3L B 17 -3.78 -0.22 6.76
HG B3L B 17 -6.66 2.01 7.61
HGA B3L B 17 -5.07 1.58 8.23
HD B3L B 17 -5.91 -0.86 8.23
H3E2 B3L B 17 -6.19 1.31 10.02
H2E2 B3L B 17 -6.04 -0.37 10.39
H1E2 B3L B 17 -7.60 0.33 10.18
H3E1 B3L B 17 -8.64 -0.20 8.63
H2E1 B3L B 17 -8.19 0.39 7.07
H1E1 B3L B 17 -7.95 -1.28 7.47
N TYR B 18 -3.45 1.93 3.64
CA TYR B 18 -3.26 1.88 2.18
C TYR B 18 -4.23 1.02 1.40
N HIS B 19 -4.34 -0.23 1.79
CA HIS B 19 -5.09 -1.18 0.99
C HIS B 19 -6.61 -0.95 1.08
C BIL B 20 -8.78 1.74 1.81
O BIL B 20 -9.74 1.75 1.07
CA BIL B 20 -8.71 0.72 2.90
CB BIL B 20 -8.56 -0.73 2.49
N BIL B 20 -7.13 -0.93 2.29
CG BIL B 20 -9.10 -1.64 3.61
CD2 BIL B 20 -10.62 -1.57 3.74
CD1 BIL B 20 -8.61 -3.09 3.47
CE1 BIL B 20 -9.18 -4.00 4.56
HA BIL B 20 -7.89 0.97 3.57
HAA BIL B 20 -9.63 0.82 3.50
HB BIL B 20 -9.14 -0.92 1.58
H BIL B 20 -6.57 -1.08 3.11
HG BIL B 20 -8.68 -1.26 4.56
H3D2 BIL B 20 -10.89 -1.25 4.69
H2D2 BIL B 20 -10.99 -0.91 3.00
H1D2 BIL B 20 -11.02 -2.55 3.55
H1D1 BIL B 20 -7.53 -3.13 3.53
H2D1 BIL B 20 -8.91 -3.47 2.49
H3E1 BIL B 20 -9.79 -3.44 5.20
H2E1 BIL B 20 -9.75 -4.77 4.11
H1E1 BIL B 20 -8.39 -4.43 5.11
N GLU B 21 -7.76 2.61 1.69
CA GLU B 21 -7.74 3.65 0.65
C GLU B 21 -7.88 3.16 -0.78
N ASN B 22 -7.09 2.16 -1.16
CA ASN B 22 -7.11 1.68 -2.53
C ASN B 22 -8.47 1.10 -2.87
N GLU B 23 -8.92 0.14 -2.07
CA GLU B 23 -10.15 -0.61 -2.36
C GLU B 23 -11.39 0.23 -2.16
O B3L B 24 -13.19 3.99 -3.31
C B3L B 24 -12.17 3.77 -2.68
CB B3L B 24 -12.23 3.33 -1.23
CA B3L B 24 -12.56 1.88 -0.92
N B3L B 24 -11.40 1.05 -1.17
CG B3L B 24 -12.96 1.70 0.54
CD B3L B 24 -13.84 0.47 0.86
CE2 B3L B 24 -13.61 -0.02 2.30
CE1 B3L B 24 -13.74 -0.71 -0.09
HB1 B3L B 24 -12.95 3.96 -0.73
HB2 B3L B 24 -11.26 3.54 -0.77
HA B3L B 24 -13.41 1.59 -1.56
H B3L B 24 -10.61 1.13 -0.53
HG B3L B 24 -13.50 2.59 0.86
HGA B3L B 24 -12.06 1.64 1.16
HD B3L B 24 -14.89 0.82 0.81
H3E2 B3L B 24 -12.89 0.58 2.76
H2E2 B3L B 24 -13.27 -1.04 2.26
H1E2 B3L B 24 -14.53 0.01 2.83
H3E1 B3L B 24 -14.68 -0.89 -0.54
H2E1 B3L B 24 -13.03 -0.47 -0.86
H1E1 B3L B 24 -13.41 -1.56 0.42
N ALA B 25 -10.95 3.89 -3.21
CA ALA B 25 -10.75 4.32 -4.61
C ALA B 25 -11.51 3.49 -5.59
N ARG B 26 -11.27 2.20 -5.50
CA ARG B 26 -11.70 1.30 -6.56
C ARG B 26 -13.22 1.09 -6.46
C BIL B 27 -15.99 2.81 -5.22
O BIL B 27 -16.88 2.67 -6.03
CA BIL B 27 -15.58 1.63 -4.34
CB BIL B 27 -15.09 0.41 -5.07
N BIL B 27 -13.68 0.65 -5.31
CG BIL B 27 -15.27 -0.86 -4.22
CD2 BIL B 27 -16.71 -1.34 -4.16
CD1 BIL B 27 -14.42 -2.05 -4.64
CE1 BIL B 27 -14.65 -2.40 -6.10
HA BIL B 27 -14.81 1.97 -3.65
HAA BIL B 27 -16.45 1.37 -3.73
HB BIL B 27 -15.64 0.29 -6.02
H BIL B 27 -13.05 0.46 -4.54
HG BIL B 27 -14.97 -0.60 -3.19
H3D2 BIL B 27 -17.05 -1.33 -3.15
H2D2 BIL B 27 -17.32 -0.68 -4.74
H1D2 BIL B 27 -16.77 -2.32 -4.55
H1D1 BIL B 27 -14.68 -2.91 -4.03
H2D1 BIL B 27 -13.37 -1.83 -4.48
H3E1 BIL B 27 -15.36 -1.75 -6.51
H2E1 BIL B 27 -13.73 -2.32 -6.62
H1E1 BIL B 27 -14.99 -3.41 -6.15
N LYS B 28 -15.34 3.96 -5.03
CA LYS B 28 -15.62 5.17 -5.81
C LYS B 28 -15.64 5.00 -7.32
N LYS B 29 -14.69 4.25 -7.86
CA LYS B 29 -14.57 4.10 -9.30
C LYS B 29 -15.71 3.25 -9.85
N LEU B 30 -15.84 2.03 -9.33
CA LEU B 30 -16.90 1.09 -9.74
C LEU B 30 -18.32 1.69 -9.46
O B3L B 31 -20.96 4.61 -9.83
C B3L B 31 -19.95 4.73 -9.17
CB B3L B 31 -19.83 4.07 -7.81
CA B3L B 31 -19.89 2.56 -7.82
N B3L B 31 -18.60 2.00 -8.22
CG B3L B 31 -20.23 2.11 -6.40
CD B3L B 31 -20.55 0.63 -6.21
CE2 B3L B 31 -19.61 0.03 -5.15
CE1 B3L B 31 -20.52 -0.19 -7.48
HB1 B3L B 31 -20.63 4.46 -7.18
HB2 B3L B 31 -18.88 4.37 -7.35
HA B3L B 31 -20.69 2.24 -8.51
H B3L B 31 -17.92 1.86 -7.48
HG B3L B 31 -21.10 2.68 -6.06
HGA B3L B 31 -19.41 2.40 -5.74
HD B3L B 31 -21.57 0.57 -5.81
H3E2 B3L B 31 -18.96 0.78 -4.81
H2E2 B3L B 31 -19.06 -0.76 -5.61
H1E2 B3L B 31 -20.19 -0.35 -4.36
H3E1 B3L B 31 -21.48 -0.61 -7.65
H2E1 B3L B 31 -20.29 0.45 -8.30
H1E1 B3L B 31 -19.80 -0.94 -7.41
N GLY B 32 -18.89 5.42 -9.58
CA GLY B 32 -18.81 6.13 -10.86
C GLY B 32 -19.08 5.38 -12.16
N GLU B 33 -19.07 4.05 -12.14
CA GLU B 33 -19.41 3.24 -13.31
C GLU B 33 -20.79 2.55 -13.12
N HMR B 34 -21.68 3.22 -12.37
CB HMR B 34 -23.02 2.65 -12.13
CC HMR B 34 -22.89 1.55 -11.07
CG HMR B 34 -23.30 0.21 -11.64
CD HMR B 34 -22.51 -0.98 -11.08
NE HMR B 34 -21.41 -1.10 -12.02
CZ HMR B 34 -20.91 -2.24 -12.49
NH1 HMR B 34 -19.89 -2.15 -13.34
NH2 HMR B 34 -21.35 -3.45 -12.12
C HMR B 34 -24.02 4.97 -12.46
O HMR B 34 -24.10 5.00 -13.68
CA HMR B 34 -24.06 3.67 -11.66
OXT HMR B 34 -23.87 6.04 -11.82
H HMR B 34 -21.48 4.10 -11.95
HB HMR B 34 -23.40 2.21 -13.07
HB2 HMR B 34 -23.52 1.78 -10.22
HB3 HMR B 34 -21.85 1.50 -10.71
HG2 HMR B 34 -24.34 0.05 -11.43
HG3 HMR B 34 -23.19 0.21 -12.73
HD2 HMR B 34 -22.14 -0.76 -10.08
HD3 HMR B 34 -23.13 -1.86 -11.06
HE HMR B 34 -21.01 -0.27 -12.34
HH1 HMR B 34 -19.59 -1.38 -13.58
HH21 HMR B 34 -22.01 -3.53 -11.57
HH22 HMR B 34 -20.99 -4.15 -12.46
HC1 HMR B 34 -23.88 3.92 -10.61
HC2 HMR B 34 -25.06 3.24 -11.73
HH12 HMR B 34 -19.53 -2.86 -13.66
C ACE C 1 14.51 18.43 -8.47
O ACE C 1 14.49 19.02 -7.39
CH3 ACE C 1 15.76 17.67 -8.88
H1 ACE C 1 16.43 18.33 -9.41
H2 ACE C 1 15.47 16.83 -9.51
H3 ACE C 1 16.25 17.30 -7.97
N ARG C 2 13.71 18.76 -9.50
CA ARG C 2 12.40 19.41 -9.43
C ARG C 2 11.37 18.56 -8.71
N B3M C 3 10.48 19.23 -7.98
CB B3M C 3 8.20 18.54 -8.16
C B3M C 3 8.07 17.40 -9.16
O B3M C 3 7.92 16.26 -8.79
CA B3M C 3 9.44 18.58 -7.25
CG B3M C 3 9.11 19.38 -6.01
CD B3M C 3 10.29 19.48 -5.05
SE B3M C 3 10.59 17.88 -4.27
CF B3M C 3 12.31 17.77 -4.77
H2 B3M C 3 10.51 20.09 -7.94
HB1 B3M C 3 8.16 19.49 -8.71
HB2 B3M C 3 7.32 18.53 -7.53
HA B3M C 3 9.71 17.55 -6.97
HG B3M C 3 8.78 20.38 -6.29
HGA B3M C 3 8.28 18.90 -5.48
HD B3M C 3 11.18 19.81 -5.59
HDA B3M C 3 10.07 20.22 -4.29
HF B3M C 3 12.94 17.70 -3.89
HFA B3M C 3 12.58 18.65 -5.35
HFB B3M C 3 12.45 16.87 -5.39
N LYS C 4 8.12 17.73 -10.45
CA LYS C 4 8.00 16.77 -11.55
C LYS C 4 9.01 15.61 -11.58
N GLN C 5 10.27 15.91 -11.25
CA GLN C 5 11.34 14.91 -11.33
C GLN C 5 11.34 13.99 -10.12
C BIL C 6 8.62 12.82 -8.06
O BIL C 6 8.73 11.62 -7.96
CA BIL C 6 9.56 13.73 -7.27
CB BIL C 6 11.02 13.75 -7.72
N BIL C 6 11.05 14.53 -8.93
CG BIL C 6 12.00 14.38 -6.73
CD2 BIL C 6 12.16 13.55 -5.47
CD1 BIL C 6 13.38 14.61 -7.36
CE1 BIL C 6 13.89 13.41 -8.16
HA BIL C 6 9.18 14.75 -7.29
HAA BIL C 6 9.53 13.42 -6.22
HB BIL C 6 11.34 12.71 -7.90
H BIL C 6 10.85 15.51 -8.84
HG BIL C 6 11.60 15.37 -6.43
H3D2 BIL C 6 11.87 14.12 -4.63
H2D2 BIL C 6 11.56 12.69 -5.54
H1D2 BIL C 6 13.18 13.28 -5.37
H1D1 BIL C 6 14.11 14.83 -6.57
H2D1 BIL C 6 13.35 15.48 -8.01
H3E1 BIL C 6 13.14 12.65 -8.13
H2E1 BIL C 6 14.02 13.72 -9.18
H1E1 BIL C 6 14.78 13.08 -7.76
N GLU C 7 7.70 13.38 -8.85
CA GLU C 7 6.75 12.57 -9.65
C GLU C 7 7.31 11.45 -10.53
N ASP C 8 8.31 11.77 -11.33
CA ASP C 8 8.89 10.79 -12.23
C ASP C 8 9.65 9.73 -11.49
N LYS C 9 10.51 10.15 -10.57
CA LYS C 9 11.29 9.20 -9.77
C LYS C 9 10.47 8.36 -8.80
O B3L C 10 7.04 6.07 -8.37
C B3L C 10 7.02 7.23 -8.73
CB B3L C 10 7.28 8.31 -7.70
CA B3L C 10 8.71 8.27 -7.18
N B3L C 10 9.54 8.99 -8.12
CG B3L C 10 8.85 8.81 -5.75
CD B3L C 10 10.27 9.20 -5.35
CE2 B3L C 10 11.12 8.04 -4.87
CE1 B3L C 10 10.28 10.25 -4.25
HB1 B3L C 10 6.59 8.19 -6.86
HB2 B3L C 10 7.08 9.30 -8.14
HA B3L C 10 9.01 7.21 -7.14
H B3L C 10 9.37 9.98 -8.23
HG B3L C 10 8.49 8.05 -5.05
HGA B3L C 10 8.20 9.67 -5.64
HD B3L C 10 10.78 9.64 -6.21
H3E2 B3L C 10 10.54 7.16 -4.92
H2E2 B3L C 10 11.43 8.22 -3.88
H1E2 B3L C 10 11.96 7.95 -5.50
H3E1 B3L C 10 10.76 11.13 -4.58
H2E1 B3L C 10 9.28 10.49 -3.97
H1E1 B3L C 10 10.78 9.87 -3.40
N GLU C 11 6.76 7.60 -9.99
CA GLU C 11 6.49 6.61 -11.05
CA GLU C 11 6.50 6.58 -11.01
C GLU C 11 7.57 5.52 -11.16
N GLU C 12 8.84 5.91 -11.10
CA GLU C 12 9.89 4.93 -11.41
C GLU C 12 10.01 3.87 -10.33
C BIL C 13 8.10 2.63 -7.58
O BIL C 13 8.21 1.42 -7.46
CA BIL C 13 9.19 3.57 -7.17
CB BIL C 13 10.46 3.48 -7.97
N BIL C 13 10.31 4.33 -9.12
CG BIL C 13 11.54 4.04 -7.06
CD2 BIL C 13 11.84 3.10 -5.89
CD1 BIL C 13 12.88 4.36 -7.73
CE1 BIL C 13 13.77 5.04 -6.72
HA BIL C 13 8.83 4.60 -7.22
HAA BIL C 13 9.40 3.37 -6.11
HB BIL C 13 10.69 2.44 -8.23
H BIL C 13 10.44 5.31 -8.96
HG BIL C 13 11.17 4.98 -6.63
H3D2 BIL C 13 11.65 3.60 -4.96
H2D2 BIL C 13 11.22 2.24 -5.96
H1D2 BIL C 13 12.86 2.80 -5.90
H1D1 BIL C 13 12.73 5.02 -8.59
H2D1 BIL C 13 13.34 3.44 -8.09
H3E1 BIL C 13 13.25 5.14 -5.80
H2E1 BIL C 13 14.65 4.48 -6.57
H1E1 BIL C 13 14.02 6.02 -7.07
N LEU C 14 7.03 3.20 -8.07
CA LEU C 14 5.86 2.45 -8.53
C LEU C 14 6.25 1.30 -9.48
N SER C 15 7.00 1.63 -10.50
CA SER C 15 7.26 0.68 -11.57
C SER C 15 8.22 -0.45 -11.17
N LYS C 16 9.24 -0.16 -10.36
CA LYS C 16 10.19 -1.15 -9.94
C LYS C 16 9.65 -1.94 -8.78
O B3L C 17 6.68 -4.18 -7.44
C B3L C 17 6.50 -3.02 -7.75
CB B3L C 17 7.04 -1.90 -6.86
CA B3L C 17 8.55 -1.94 -6.67
N B3L C 17 9.09 -1.25 -7.80
CG B3L C 17 9.00 -1.30 -5.38
CD B3L C 17 10.47 -0.92 -5.35
CE2 B3L C 17 11.33 -2.18 -5.43
CE1 B3L C 17 10.72 -0.09 -4.10
HB1 B3L C 17 6.55 -1.98 -5.88
HB2 B3L C 17 6.76 -0.93 -7.27
HA B3L C 17 8.88 -2.99 -6.64
H B3L C 17 9.02 -0.25 -7.83
HG B3L C 17 8.80 -1.99 -4.56
HGA B3L C 17 8.41 -0.40 -5.20
HD B3L C 17 10.71 -0.29 -6.23
H3E2 B3L C 17 10.70 -3.03 -5.48
H2E2 B3L C 17 11.94 -2.24 -4.57
H1E2 B3L C 17 11.94 -2.14 -6.30
H3E1 B3L C 17 11.11 0.85 -4.38
H2E1 B3L C 17 9.83 0.01 -3.56
H1E1 B3L C 17 11.45 -0.60 -3.50
N TYR C 18 5.83 -2.67 -8.87
CA TYR C 18 5.28 -3.67 -9.80
CA TYR C 18 5.27 -3.68 -9.82
C TYR C 18 6.24 -4.81 -10.18
N HIS C 19 7.39 -4.46 -10.70
CA HIS C 19 8.30 -5.45 -11.22
C HIS C 19 8.91 -6.38 -10.18
C BIL C 20 8.02 -7.39 -6.82
O BIL C 20 8.19 -8.58 -6.57
CA BIL C 20 9.20 -6.44 -6.82
CB BIL C 20 10.09 -6.56 -8.03
N BIL C 20 9.47 -5.82 -9.11
CG BIL C 20 11.44 -5.91 -7.67
CD2 BIL C 20 12.16 -6.66 -6.56
CD1 BIL C 20 12.39 -5.72 -8.85
CE1 BIL C 20 13.63 -4.92 -8.47
HA BIL C 20 8.82 -5.42 -6.75
HAA BIL C 20 9.78 -6.62 -5.91
HB BIL C 20 10.24 -7.61 -8.29
H BIL C 20 9.47 -4.82 -9.02
HG BIL C 20 11.21 -4.90 -7.29
H3D2 BIL C 20 12.31 -6.01 -5.73
H2D2 BIL C 20 11.56 -7.48 -6.25
H1D2 BIL C 20 13.09 -7.00 -6.91
H1D1 BIL C 20 11.88 -5.21 -9.67
H2D1 BIL C 20 12.71 -6.71 -9.22
H3E1 BIL C 20 13.57 -4.64 -7.44
H2E1 BIL C 20 14.51 -5.52 -8.61
H1E1 BIL C 20 13.70 -4.07 -9.07
N GLU C 21 6.84 -6.91 -7.10
CA GLU C 21 5.69 -7.80 -7.12
C GLU C 21 5.78 -8.95 -8.10
N ASN C 22 6.08 -8.66 -9.36
CA ASN C 22 6.11 -9.69 -10.39
C ASN C 22 7.19 -10.73 -10.21
N GLU C 23 8.37 -10.30 -9.79
CA GLU C 23 9.51 -11.18 -9.65
C GLU C 23 9.42 -11.98 -8.40
O B3L C 24 6.94 -14.32 -5.94
C B3L C 24 6.70 -13.18 -6.26
CB B3L C 24 7.49 -12.03 -5.65
CA B3L C 24 8.96 -11.99 -6.03
N B3L C 24 9.07 -11.32 -7.31
CG B3L C 24 9.77 -11.28 -4.95
CD B3L C 24 11.16 -10.81 -5.40
CE2 B3L C 24 11.92 -10.11 -4.25
CE1 B3L C 24 11.99 -11.95 -5.99
HB1 B3L C 24 7.41 -12.10 -4.56
HB2 B3L C 24 7.03 -11.08 -5.93
HA B3L C 24 9.33 -13.03 -6.10
H B3L C 24 8.88 -10.34 -7.33
HG B3L C 24 9.89 -11.95 -4.10
HGA B3L C 24 9.20 -10.41 -4.60
HD B3L C 24 11.02 -10.05 -6.19
H3E2 B3L C 24 11.30 -10.16 -3.36
H2E2 B3L C 24 12.14 -9.15 -4.47
H1E2 B3L C 24 12.81 -10.68 -4.03
H3E1 B3L C 24 12.87 -12.07 -5.42
H2E1 B3L C 24 11.42 -12.83 -5.99
H1E1 B3L C 24 12.25 -11.69 -6.99
N ALA C 25 5.78 -12.86 -7.15
CA ALA C 25 4.95 -13.84 -7.82
C ALA C 25 5.79 -14.94 -8.43
N ARG C 26 6.70 -14.56 -9.32
CA ARG C 26 7.45 -15.52 -10.11
C ARG C 26 8.37 -16.40 -9.29
C BIL C 27 8.63 -17.48 -5.84
O BIL C 27 8.94 -18.63 -5.78
CA BIL C 27 9.68 -16.49 -6.25
CB BIL C 27 10.17 -16.63 -7.66
N BIL C 27 9.26 -15.87 -8.47
CG BIL C 27 11.53 -16.00 -7.86
CD2 BIL C 27 12.62 -16.52 -6.95
CD1 BIL C 27 12.02 -16.13 -9.31
CE1 BIL C 27 12.92 -14.96 -9.66
HA BIL C 27 9.28 -15.47 -6.12
HAA BIL C 27 10.52 -16.59 -5.56
HB BIL C 27 10.21 -17.70 -7.94
H BIL C 27 9.30 -14.86 -8.42
HG BIL C 27 11.43 -14.93 -7.65
H3D2 BIL C 27 12.93 -15.69 -6.37
H2D2 BIL C 27 12.19 -17.25 -6.32
H1D2 BIL C 27 13.38 -16.91 -7.52
H1D1 BIL C 27 11.18 -16.16 -10.00
H2D1 BIL C 27 12.58 -17.06 -9.42
H3E1 BIL C 27 12.95 -14.30 -8.79
H2E1 BIL C 27 13.88 -15.27 -9.87
H1E1 BIL C 27 12.49 -14.42 -10.46
N LYS C 28 7.40 -17.05 -5.55
CA LYS C 28 6.32 -17.96 -5.15
C LYS C 28 6.04 -19.13 -6.09
N LYS C 29 5.91 -18.85 -7.37
CA LYS C 29 5.54 -19.86 -8.33
C LYS C 29 6.64 -20.94 -8.47
N LEU C 30 7.89 -20.50 -8.57
CA LEU C 30 9.00 -21.43 -8.78
C LEU C 30 9.33 -22.17 -7.50
O B3L C 31 7.95 -24.45 -4.24
C B3L C 31 7.62 -23.33 -4.57
CB B3L C 31 8.50 -22.15 -4.25
CA B3L C 31 9.75 -21.99 -5.12
N B3L C 31 9.44 -21.42 -6.42
CG B3L C 31 10.63 -20.99 -4.38
CD B3L C 31 12.13 -20.89 -4.70
CE2 B3L C 31 12.57 -19.45 -4.47
CE1 B3L C 31 12.58 -21.41 -6.06
HB1 B3L C 31 8.81 -22.25 -3.20
HB2 B3L C 31 7.91 -21.22 -4.31
HA B3L C 31 10.27 -22.95 -5.20
H B3L C 31 9.31 -20.43 -6.47
HG B3L C 31 10.58 -21.23 -3.31
HGA B3L C 31 10.20 -19.99 -4.47
HD B3L C 31 12.64 -21.51 -3.95
H3E2 B3L C 31 11.75 -18.86 -4.16
H2E2 B3L C 31 12.95 -19.05 -5.39
H1E2 B3L C 31 13.33 -19.42 -3.75
H3E1 B3L C 31 13.28 -22.19 -5.93
H2E1 B3L C 31 11.74 -21.76 -6.60
H1E1 B3L C 31 13.04 -20.62 -6.61
N GLY C 32 6.49 -23.07 -5.23
CA GLY C 32 5.54 -24.13 -5.61
C GLY C 32 5.87 -25.10 -6.72
N GLU C 33 7.10 -25.06 -7.24
CA GLU C 33 7.57 -26.05 -8.21
C GLU C 33 8.87 -26.68 -7.72
N HMR C 34 9.03 -26.71 -6.39
CB HMR C 34 10.22 -27.28 -5.79
CC HMR C 34 11.36 -26.27 -5.67
CG HMR C 34 11.88 -25.63 -6.94
CD HMR C 34 12.66 -26.58 -7.83
NE HMR C 34 12.43 -26.17 -9.21
CZ HMR C 34 13.36 -25.69 -10.03
NH1 HMR C 34 13.02 -25.34 -11.28
NH2 HMR C 34 14.65 -25.53 -9.67
C HMR C 34 8.70 -28.75 -4.46
O HMR C 34 7.65 -28.53 -3.89
CA HMR C 34 9.86 -27.76 -4.39
H HMR C 34 8.34 -26.33 -5.77
HB HMR C 34 10.57 -28.14 -6.37
HB2 HMR C 34 11.01 -25.47 -5.02
HB3 HMR C 34 12.20 -26.75 -5.16
HG2 HMR C 34 11.05 -25.22 -7.51
HG3 HMR C 34 12.53 -24.80 -6.67
HD2 HMR C 34 13.72 -26.55 -7.56
HD3 HMR C 34 12.31 -27.61 -7.69
HE HMR C 34 11.53 -26.23 -9.56
HH1 HMR C 34 12.20 -25.43 -11.53
HH21 HMR C 34 14.91 -25.75 -8.88
HH22 HMR C 34 15.22 -25.23 -10.23
HC1 HMR C 34 9.58 -26.91 -3.76
HC2 HMR C 34 10.73 -28.25 -3.93
HH12 HMR C 34 13.60 -25.03 -11.82
C ACE D 1 13.08 -24.15 3.97
O ACE D 1 13.70 -24.38 2.94
CH3 ACE D 1 13.60 -23.12 4.95
H1 ACE D 1 14.16 -22.34 4.44
H2 ACE D 1 14.26 -23.64 5.65
H3 ACE D 1 12.78 -22.68 5.51
N ARG D 2 11.94 -24.78 4.27
CA ARG D 2 11.15 -25.54 3.29
C ARG D 2 10.90 -24.75 2.00
N B3M D 3 10.90 -25.44 0.89
CB B3M D 3 9.25 -25.04 -0.85
C B3M D 3 8.26 -24.05 -0.28
O B3M D 3 8.15 -22.93 -0.75
CA B3M D 3 10.69 -24.83 -0.39
CG B3M D 3 11.62 -25.55 -1.36
CD B3M D 3 12.06 -24.68 -2.50
SE B3M D 3 13.50 -23.74 -2.02
H2 B3M D 3 11.03 -26.29 0.91
HB1 B3M D 3 8.96 -26.05 -0.59
HB2 B3M D 3 9.23 -24.96 -1.93
HA B3M D 3 10.92 -23.75 -0.39
HG B3M D 3 12.50 -25.91 -0.82
HGA B3M D 3 11.11 -26.43 -1.76
HD B3M D 3 12.32 -25.30 -3.35
HDA B3M D 3 11.25 -24.00 -2.80
N LYS D 4 7.53 -24.48 0.75
CA LYS D 4 6.51 -23.64 1.40
C LYS D 4 7.00 -22.33 2.03
N GLN D 5 8.10 -22.38 2.78
CA GLN D 5 8.54 -21.20 3.48
C GLN D 5 9.23 -20.19 2.56
C BIL D 6 8.78 -19.38 -1.00
O BIL D 6 8.83 -18.18 -1.20
CA BIL D 6 10.04 -20.15 -0.76
CB BIL D 6 10.62 -19.86 0.59
N BIL D 6 9.92 -20.69 1.55
CG BIL D 6 12.09 -20.22 0.56
CD2 BIL D 6 12.85 -19.24 -0.34
CD1 BIL D 6 12.72 -20.30 1.96
CE1 BIL D 6 12.90 -18.95 2.61
HA BIL D 6 9.86 -21.22 -0.87
HAA BIL D 6 10.76 -19.87 -1.54
HB BIL D 6 10.51 -18.79 0.83
H BIL D 6 9.99 -21.69 1.40
HG BIL D 6 12.18 -21.22 0.11
H3D2 BIL D 6 13.32 -19.78 -1.12
H2D2 BIL D 6 12.18 -18.54 -0.74
H1D2 BIL D 6 13.60 -18.74 0.23
H1D1 BIL D 6 13.69 -20.79 1.87
H2D1 BIL D 6 12.10 -20.93 2.60
H3E1 BIL D 6 12.53 -18.19 1.97
H2E1 BIL D 6 12.33 -18.92 3.52
H1E1 BIL D 6 13.91 -18.78 2.83
N GLU D 7 7.65 -20.07 -0.98
CA GLU D 7 6.35 -19.47 -1.19
C GLU D 7 5.98 -18.31 -0.27
N ASP D 8 6.25 -18.43 1.03
CA ASP D 8 5.77 -17.46 1.98
C ASP D 8 6.64 -16.22 1.99
N LYS D 9 7.96 -16.43 1.92
CA LYS D 9 8.92 -15.35 1.92
C LYS D 9 8.85 -14.59 0.60
O B3L D 10 6.44 -12.63 -2.23
C B3L D 10 6.29 -13.83 -1.95
CB B3L D 10 7.26 -14.96 -2.38
CA B3L D 10 8.64 -14.71 -1.78
N B3L D 10 8.71 -15.33 -0.48
CG B3L D 10 9.81 -15.19 -2.63
CD B3L D 10 11.16 -14.98 -1.91
CE2 B3L D 10 11.46 -13.50 -1.69
CE1 B3L D 10 12.32 -15.68 -2.62
HB1 B3L D 10 7.34 -14.99 -3.47
HB2 B3L D 10 6.89 -15.95 -2.06
HA B3L D 10 8.75 -13.62 -1.69
H B3L D 10 8.65 -16.32 -0.43
HG B3L D 10 9.81 -14.64 -3.58
HGA B3L D 10 9.68 -16.25 -2.86
HD B3L D 10 11.09 -15.44 -0.92
H3E2 B3L D 10 10.67 -12.90 -2.09
H2E2 B3L D 10 12.37 -13.24 -2.18
H1E2 B3L D 10 11.56 -13.29 -0.66
H3E1 B3L D 10 12.77 -16.37 -1.96
H2E1 B3L D 10 11.97 -16.17 -3.47
H1E1 B3L D 10 13.05 -14.96 -2.90
N GLU D 11 5.26 -14.29 -1.20
CA GLU D 11 4.12 -13.56 -0.58
CA GLU D 11 4.13 -13.53 -0.59
C GLU D 11 4.55 -12.30 0.18
N GLU D 12 5.48 -12.44 1.11
CA GLU D 12 5.92 -11.35 1.96
C GLU D 12 6.68 -10.27 1.19
C BIL D 13 6.93 -9.27 -2.24
O BIL D 13 6.92 -8.07 -2.22
CA BIL D 13 8.20 -9.95 -1.80
CB BIL D 13 8.50 -9.73 -0.34
N BIL D 13 7.70 -10.67 0.44
CG BIL D 13 9.99 -9.95 -0.06
CD2 BIL D 13 10.88 -8.91 -0.73
CD1 BIL D 13 10.29 -9.98 1.45
CE1 BIL D 13 11.59 -10.73 1.67
HA BIL D 13 8.13 -11.02 -2.00
HAA BIL D 13 9.03 -9.57 -2.40
HB BIL D 13 8.26 -8.70 -0.08
H BIL D 13 7.94 -11.65 0.39
HG BIL D 13 10.26 -10.94 -0.47
H3D2 BIL D 13 11.56 -9.40 -1.38
H2D2 BIL D 13 10.29 -8.23 -1.26
H1D2 BIL D 13 11.44 -8.40 0.02
H1D1 BIL D 13 9.49 -10.48 2.00
H2D1 BIL D 13 10.39 -8.96 1.82
H3E1 BIL D 13 11.98 -11.07 0.76
H2E1 BIL D 13 12.29 -10.09 2.16
H1E1 BIL D 13 11.40 -11.57 2.31
N LEU D 14 5.90 -10.01 -2.64
CA LEU D 14 4.62 -9.40 -3.09
C LEU D 14 4.09 -8.29 -2.19
N SER D 15 4.15 -8.50 -0.89
CA SER D 15 3.40 -7.67 0.00
C SER D 15 4.12 -6.36 0.41
N LYS D 16 5.42 -6.48 0.73
CA LYS D 16 6.23 -5.31 0.99
C LYS D 16 6.69 -4.61 -0.26
O B3L D 17 5.34 -2.68 -3.73
C B3L D 17 5.14 -3.84 -3.52
CB B3L D 17 6.25 -4.87 -3.72
CA B3L D 17 7.28 -4.69 -2.62
N B3L D 17 6.84 -5.33 -1.36
CG B3L D 17 8.64 -5.16 -3.15
CD B3L D 17 9.75 -5.32 -2.12
CE2 B3L D 17 11.01 -5.81 -2.82
CE1 B3L D 17 10.06 -4.08 -1.31
HB1 B3L D 17 6.71 -4.73 -4.69
HB2 B3L D 17 5.84 -5.89 -3.68
HA B3L D 17 7.39 -3.60 -2.45
H B3L D 17 6.65 -6.32 -1.37
HG B3L D 17 8.96 -4.45 -3.90
HGA B3L D 17 8.49 -6.11 -3.65
HD B3L D 17 9.45 -6.11 -1.41
H3E2 B3L D 17 10.82 -5.90 -3.87
H2E2 B3L D 17 11.32 -6.73 -2.44
H1E2 B3L D 17 11.80 -5.09 -2.69
H3E1 B3L D 17 11.07 -3.79 -1.45
H2E1 B3L D 17 9.41 -3.30 -1.58
H1E1 B3L D 17 9.91 -4.30 -0.27
N TYR D 18 3.97 -4.31 -3.11
CA TYR D 18 2.75 -3.51 -2.84
C TYR D 18 2.87 -2.34 -1.90
N HIS D 19 3.40 -2.58 -0.71
CA HIS D 19 3.55 -1.55 0.30
C HIS D 19 4.47 -0.42 -0.13
C BIL D 20 5.89 0.72 -3.32
O BIL D 20 5.89 1.93 -3.30
CA BIL D 20 6.94 -0.05 -2.57
CB BIL D 20 6.70 0.12 -1.09
N BIL D 20 5.66 -0.80 -0.62
CG BIL D 20 7.99 -0.23 -0.35
CD2 BIL D 20 9.07 0.74 -0.76
CD1 BIL D 20 7.79 -0.16 1.16
CE1 BIL D 20 9.03 -0.73 1.85
HA BIL D 20 6.91 -1.11 -2.83
HAA BIL D 20 7.92 0.33 -2.85
HB BIL D 20 6.44 1.16 -0.87
H BIL D 20 5.89 -1.78 -0.67
HG BIL D 20 8.30 -1.25 -0.63
H3D2 BIL D 20 9.94 0.26 -1.02
H2D2 BIL D 20 8.75 1.48 -1.37
H1D2 BIL D 20 9.39 1.33 0.23
H1D1 BIL D 20 6.91 -0.74 1.46
H2D1 BIL D 20 7.64 0.88 1.48
H3E1 BIL D 20 9.64 -1.01 1.32
H2E1 BIL D 20 9.22 0.02 2.65
H1E1 BIL D 20 8.55 -1.57 2.54
N GLU D 21 5.01 0.02 -3.97
CA GLU D 21 3.94 0.62 -4.74
C GLU D 21 3.08 1.71 -4.05
N ASN D 22 2.61 1.46 -2.83
CA ASN D 22 1.68 2.36 -2.19
C ASN D 22 2.40 3.61 -1.70
N GLU D 23 3.54 3.42 -1.05
CA GLU D 23 4.32 4.56 -0.53
C GLU D 23 5.03 5.35 -1.61
O B3L D 24 4.58 7.15 -5.55
C B3L D 24 4.38 6.00 -5.27
CB B3L D 24 5.57 5.08 -5.01
CA B3L D 24 6.28 5.30 -3.70
N B3L D 24 5.57 4.65 -2.60
CG B3L D 24 7.68 4.69 -3.85
CD B3L D 24 8.45 4.62 -2.54
CE2 B3L D 24 9.82 4.00 -2.80
CE1 B3L D 24 8.54 5.99 -1.86
HB1 B3L D 24 6.28 5.22 -5.83
HB2 B3L D 24 5.23 4.04 -5.05
HA B3L D 24 6.38 6.38 -3.53
H B3L D 24 5.49 3.65 -2.63
HG B3L D 24 8.26 5.28 -4.57
HGA B3L D 24 7.60 3.67 -4.26
HD B3L D 24 7.92 3.95 -1.86
H3E2 B3L D 24 9.90 3.74 -3.83
H2E2 B3L D 24 9.92 3.13 -2.22
H1E2 B3L D 24 10.58 4.69 -2.56
H3E1 B3L D 24 9.57 6.29 -1.78
H2E1 B3L D 24 8.04 6.72 -2.48
H1E1 B3L D 24 8.10 5.96 -0.91
N ALA D 25 3.15 5.47 -5.16
CA ALA D 25 1.94 6.28 -5.39
C ALA D 25 1.86 7.57 -4.61
N ARG D 26 2.16 7.51 -3.32
CA ARG D 26 1.86 8.62 -2.43
C ARG D 26 2.97 9.62 -2.24
C BIL D 27 5.42 10.74 -4.36
O BIL D 27 5.37 11.95 -4.33
CA BIL D 27 6.08 9.97 -3.24
CB BIL D 27 5.30 10.03 -1.94
N BIL D 27 4.19 9.13 -2.13
CG BIL D 27 6.09 9.60 -0.72
CD2 BIL D 27 7.43 10.33 -0.64
CD1 BIL D 27 5.25 9.84 0.54
CE1 BIL D 27 5.91 9.16 1.72
HA BIL D 27 6.20 8.93 -3.55
HAA BIL D 27 7.09 10.39 -3.09
HB BIL D 27 4.97 11.06 -1.78
H BIL D 27 4.37 8.14 -2.17
HG BIL D 27 6.29 8.52 -0.78
H3D2 BIL D 27 8.19 9.59 -0.68
H2D2 BIL D 27 7.53 10.91 -1.57
H1D2 BIL D 27 7.52 10.94 0.16
H1D1 BIL D 27 4.24 9.45 0.42
H2D1 BIL D 27 5.17 10.92 0.73
H3E1 BIL D 27 6.74 8.74 1.48
H2E1 BIL D 27 6.19 10.04 2.49
H1E1 BIL D 27 5.18 8.66 2.22
N LYS D 28 4.90 10.06 -5.36
CA LYS D 28 4.24 10.76 -6.49
C LYS D 28 3.10 11.79 -6.23
N LYS D 29 2.22 11.51 -5.26
CA LYS D 29 1.09 12.38 -5.04
C LYS D 29 1.59 13.62 -4.38
N LEU D 30 2.39 13.44 -3.33
CA LEU D 30 2.96 14.50 -2.54
C LEU D 30 3.99 15.35 -3.30
O B3L D 31 4.95 17.60 -6.64
C B3L D 31 4.73 16.39 -6.58
CB B3L D 31 5.81 15.42 -6.12
CA B3L D 31 6.07 15.37 -4.62
N B3L D 31 5.00 14.69 -3.86
CG B3L D 31 7.40 14.68 -4.37
CD B3L D 31 7.68 14.34 -2.88
CE2 B3L D 31 9.03 13.66 -2.64
CE1 B3L D 31 7.57 15.54 -1.96
HB1 B3L D 31 6.75 15.69 -6.61
HB2 B3L D 31 5.56 14.40 -6.46
HA B3L D 31 6.16 16.40 -4.27
H B3L D 31 5.05 13.69 -3.78
HG B3L D 31 8.21 15.31 -4.73
HGA B3L D 31 7.44 13.75 -4.95
HD B3L D 31 6.91 13.61 -2.56
H3E2 B3L D 31 9.53 13.54 -3.58
H2E2 B3L D 31 8.87 12.69 -2.22
H1E2 B3L D 31 9.62 14.24 -2.01
H3E1 B3L D 31 8.51 15.70 -1.48
H2E1 B3L D 31 7.34 16.40 -2.54
H1E1 B3L D 31 6.83 15.38 -1.24
N GLY D 32 3.55 15.84 -6.89
CA GLY D 32 2.39 16.59 -7.36
C GLY D 32 1.82 17.71 -6.48
N GLU D 33 2.14 17.73 -5.19
CA GLU D 33 1.69 18.80 -4.27
C GLU D 33 2.86 19.66 -3.70
N HMR D 34 3.93 19.82 -4.49
CB HMR D 34 5.07 20.58 -4.06
CC HMR D 34 6.10 19.87 -3.19
CG HMR D 34 5.63 19.22 -1.90
CD HMR D 34 5.40 20.21 -0.76
NE HMR D 34 4.30 19.65 0.04
CZ HMR D 34 4.42 19.33 1.34
NH1 HMR D 34 5.54 19.49 2.06
NH2 HMR D 34 3.34 18.84 1.95
C HMR D 34 4.92 21.49 -6.43
O HMR D 34 4.95 20.91 -7.51
CA HMR D 34 5.82 21.09 -5.29
OXT HMR D 34 4.11 22.44 -6.27
H HMR D 34 3.96 19.39 -5.40
HB HMR D 34 4.73 21.48 -3.50
HB2 HMR D 34 6.57 19.09 -3.80
HB3 HMR D 34 6.88 20.59 -2.94
HG2 HMR D 34 4.71 18.65 -2.09
HG3 HMR D 34 6.38 18.49 -1.58
HD2 HMR D 34 6.32 20.32 -0.19
HD3 HMR D 34 5.11 21.18 -1.16
HE HMR D 34 3.45 19.49 -0.40
HH1 HMR D 34 6.26 19.81 1.70
HH21 HMR D 34 2.61 18.72 1.52
HH22 HMR D 34 3.39 18.62 2.78
HC1 HMR D 34 6.50 20.31 -5.65
HC2 HMR D 34 6.45 21.95 -5.01
HH12 HMR D 34 5.55 19.28 2.89
I IOD E . -25.21 5.50 2.45
I IOD F . -15.85 6.31 12.13
I IOD G . -12.61 7.83 11.90
I IOD H . 5.52 0.64 28.50
I IOD I . -5.52 9.13 0.38
I IOD J . -1.54 -6.36 2.17
I IOD K . -26.72 -0.25 -10.39
I IOD L . 17.10 -1.02 -10.91
I IOD M . 14.23 -3.26 -11.72
#